data_7OLV
#
_entry.id   7OLV
#
_cell.length_a   91.379
_cell.length_b   92.541
_cell.length_c   71.387
_cell.angle_alpha   90.000
_cell.angle_beta   90.000
_cell.angle_gamma   90.000
#
_symmetry.space_group_name_H-M   'C 2 2 21'
#
loop_
_entity.id
_entity.type
_entity.pdbx_description
1 polymer 'Tyrosine-protein kinase Mer'
2 non-polymer 4-[4-[5-[imidazo[1,2-a]pyridin-6-ylmethyl(methyl)amino]-1,3,4-oxadiazol-2-yl]-3-methyl-phenyl]-2,5-dimethyl-pyrazole-3-carbonitrile
3 non-polymer 'CHLORIDE ION'
4 non-polymer 'DIMETHYL SULFOXIDE'
5 water water
#
_entity_poly.entity_id   1
_entity_poly.type   'polypeptide(L)'
_entity_poly.pdbx_seq_one_letter_code
;GSHMEELQNKLEDVVIDRNLLILGRILGEGEFGSVMEGNLKQEDGTSLKVAVKTMKLDNSSQREIEEFLSEAACMKDFSH
PNVIRLLGVCIEMSSQGIPKPMVILPFMKYGDLHTYLLYSRLETGPRHIPLQTLLRFMVDIALGMEYLSNRNFLHRDLAA
RNCMLRDDMTVCVADFGLSKKIYSGDYYRQGRIAKMPVKWIAIESLADRVYTSKSDVWAFGVTMWEIATRGMTPYPGVQN
HEMYDYLLHGHRLKQPEDCLDELYEIMYSCWRTDPLDRPTFSVLRLQLERLLESLPDV
;
_entity_poly.pdbx_strand_id   A
#
loop_
_chem_comp.id
_chem_comp.type
_chem_comp.name
_chem_comp.formula
CL non-polymer 'CHLORIDE ION' 'Cl -1'
DMS non-polymer 'DIMETHYL SULFOXIDE' 'C2 H6 O S'
VK2 non-polymer 4-[4-[5-[imidazo[1,2-a]pyridin-6-ylmethyl(methyl)amino]-1,3,4-oxadiazol-2-yl]-3-methyl-phenyl]-2,5-dimethyl-pyrazole-3-carbonitrile 'C24 H22 N8 O'
#
# COMPACT_ATOMS: atom_id res chain seq x y z
N GLY A 1 1.81 3.86 32.05
CA GLY A 1 3.14 4.53 31.94
C GLY A 1 3.30 5.40 30.70
N SER A 2 4.52 5.48 30.17
CA SER A 2 4.80 6.20 28.93
C SER A 2 4.18 5.46 27.74
N HIS A 3 4.16 4.13 27.82
CA HIS A 3 3.57 3.29 26.76
C HIS A 3 2.05 3.39 26.72
N MET A 4 1.42 3.32 27.87
CA MET A 4 -0.04 3.46 27.97
C MET A 4 -0.49 4.90 27.70
N GLU A 5 0.25 5.88 28.23
CA GLU A 5 -0.03 7.30 27.99
C GLU A 5 0.08 7.65 26.51
N GLU A 6 1.17 7.20 25.88
CA GLU A 6 1.39 7.37 24.44
C GLU A 6 0.26 6.77 23.59
N LEU A 7 -0.22 5.58 23.97
CA LEU A 7 -1.36 4.95 23.28
C LEU A 7 -2.65 5.74 23.47
N GLN A 8 -2.92 6.16 24.72
CA GLN A 8 -4.12 6.94 25.01
C GLN A 8 -4.17 8.29 24.29
N ASN A 9 -3.02 8.94 24.12
CA ASN A 9 -2.92 10.17 23.33
C ASN A 9 -3.45 9.91 21.92
N LYS A 10 -2.85 8.92 21.27
CA LYS A 10 -3.18 8.55 19.89
C LYS A 10 -4.66 8.19 19.69
N LEU A 11 -5.28 7.56 20.68
CA LEU A 11 -6.71 7.21 20.61
C LEU A 11 -7.64 8.44 20.56
N GLU A 12 -7.29 9.48 21.31
CA GLU A 12 -8.07 10.73 21.30
C GLU A 12 -7.99 11.39 19.91
N ASP A 13 -6.78 11.48 19.37
CA ASP A 13 -6.50 12.12 18.07
C ASP A 13 -7.23 11.47 16.87
N VAL A 14 -7.44 10.16 16.93
CA VAL A 14 -7.86 9.39 15.77
C VAL A 14 -9.36 9.34 15.48
N VAL A 15 -10.21 9.47 16.50
CA VAL A 15 -11.66 9.35 16.29
C VAL A 15 -12.24 10.67 15.80
N ILE A 16 -13.09 10.59 14.77
CA ILE A 16 -13.81 11.75 14.21
C ILE A 16 -15.28 11.61 14.59
N ASP A 17 -15.93 12.74 14.91
CA ASP A 17 -17.38 12.77 15.14
C ASP A 17 -18.10 12.47 13.86
N ARG A 18 -19.13 11.64 13.93
CA ARG A 18 -19.91 11.26 12.75
C ARG A 18 -20.61 12.45 12.06
N ASN A 19 -21.02 13.43 12.85
CA ASN A 19 -21.69 14.62 12.31
C ASN A 19 -20.77 15.56 11.50
N LEU A 20 -19.45 15.43 11.68
CA LEU A 20 -18.49 16.15 10.83
C LEU A 20 -18.25 15.47 9.47
N LEU A 21 -18.95 14.35 9.22
CA LEU A 21 -18.76 13.56 8.02
C LEU A 21 -20.07 13.39 7.27
N ILE A 22 -20.02 13.59 5.95
CA ILE A 22 -21.15 13.37 5.06
C ILE A 22 -20.73 12.31 4.05
N LEU A 23 -21.46 11.20 4.00
CA LEU A 23 -21.15 10.11 3.08
C LEU A 23 -21.89 10.27 1.77
N GLY A 24 -21.20 9.99 0.66
CA GLY A 24 -21.73 10.19 -0.68
C GLY A 24 -21.91 8.90 -1.43
N ARG A 25 -21.57 8.92 -2.72
CA ARG A 25 -21.74 7.77 -3.59
C ARG A 25 -20.74 6.65 -3.29
N ILE A 26 -21.10 5.43 -3.70
CA ILE A 26 -20.22 4.28 -3.64
C ILE A 26 -19.29 4.34 -4.86
N LEU A 27 -17.99 4.27 -4.62
CA LEU A 27 -16.98 4.20 -5.68
C LEU A 27 -16.52 2.76 -5.97
N GLY A 28 -16.76 1.86 -5.01
CA GLY A 28 -16.30 0.47 -5.09
C GLY A 28 -16.93 -0.31 -3.94
N GLU A 29 -17.20 -1.59 -4.17
CA GLU A 29 -17.93 -2.41 -3.19
C GLU A 29 -17.64 -3.89 -3.39
N GLY A 30 -16.61 -4.37 -2.70
CA GLY A 30 -16.21 -5.78 -2.74
C GLY A 30 -16.72 -6.58 -1.55
N GLU A 31 -16.03 -7.66 -1.23
CA GLU A 31 -16.36 -8.51 -0.10
C GLU A 31 -15.99 -7.87 1.25
N PHE A 32 -14.87 -7.15 1.30
CA PHE A 32 -14.39 -6.48 2.52
C PHE A 32 -15.35 -5.39 3.03
N GLY A 33 -15.98 -4.68 2.10
CA GLY A 33 -16.96 -3.65 2.42
C GLY A 33 -17.16 -2.69 1.27
N SER A 34 -17.11 -1.39 1.56
CA SER A 34 -17.32 -0.35 0.55
C SER A 34 -16.36 0.80 0.69
N VAL A 35 -15.94 1.35 -0.45
CA VAL A 35 -15.28 2.65 -0.50
C VAL A 35 -16.30 3.64 -1.03
N MET A 36 -16.48 4.73 -0.29
CA MET A 36 -17.40 5.80 -0.65
C MET A 36 -16.70 7.14 -0.57
N GLU A 37 -17.08 8.04 -1.48
CA GLU A 37 -16.66 9.43 -1.38
C GLU A 37 -17.37 10.11 -0.22
N GLY A 38 -16.75 11.14 0.33
CA GLY A 38 -17.32 11.87 1.46
C GLY A 38 -16.79 13.28 1.58
N ASN A 39 -17.44 14.04 2.47
CA ASN A 39 -16.94 15.34 2.90
C ASN A 39 -16.64 15.29 4.36
N LEU A 40 -15.47 15.82 4.74
CA LEU A 40 -15.08 15.97 6.13
C LEU A 40 -15.01 17.43 6.48
N LYS A 41 -15.79 17.86 7.48
CA LYS A 41 -15.74 19.25 7.92
C LYS A 41 -14.56 19.42 8.85
N GLN A 42 -13.69 20.38 8.55
CA GLN A 42 -12.42 20.57 9.26
C GLN A 42 -12.46 21.62 10.38
N GLU A 43 -11.41 21.61 11.21
CA GLU A 43 -11.21 22.56 12.31
C GLU A 43 -11.35 24.00 11.84
N ASP A 44 -10.78 24.31 10.68
CA ASP A 44 -10.80 25.66 10.09
C ASP A 44 -12.12 26.09 9.40
N GLY A 45 -13.19 25.31 9.53
CA GLY A 45 -14.50 25.66 8.95
C GLY A 45 -14.84 24.91 7.68
N THR A 46 -13.89 24.88 6.73
CA THR A 46 -14.14 24.35 5.39
C THR A 46 -14.23 22.83 5.33
N SER A 47 -14.99 22.33 4.36
CA SER A 47 -15.11 20.88 4.11
C SER A 47 -14.00 20.39 3.17
N LEU A 48 -13.58 19.16 3.40
CA LEU A 48 -12.53 18.49 2.62
C LEU A 48 -13.12 17.28 1.95
N LYS A 49 -12.70 17.02 0.72
CA LYS A 49 -13.10 15.83 0.01
C LYS A 49 -12.28 14.65 0.53
N VAL A 50 -12.96 13.58 0.94
CA VAL A 50 -12.33 12.40 1.49
C VAL A 50 -12.82 11.12 0.80
N ALA A 51 -12.07 10.04 0.99
CA ALA A 51 -12.55 8.69 0.73
C ALA A 51 -12.82 8.00 2.07
N VAL A 52 -13.89 7.21 2.11
CA VAL A 52 -14.37 6.55 3.31
C VAL A 52 -14.45 5.04 3.06
N LYS A 53 -13.60 4.26 3.74
CA LYS A 53 -13.64 2.80 3.63
C LYS A 53 -14.42 2.21 4.80
N THR A 54 -15.52 1.53 4.50
CA THR A 54 -16.31 0.82 5.50
C THR A 54 -15.94 -0.66 5.50
N MET A 55 -15.63 -1.20 6.68
CA MET A 55 -15.09 -2.56 6.81
C MET A 55 -16.22 -3.60 6.95
N SER A 60 -16.85 -9.68 14.19
CA SER A 60 -17.68 -8.48 14.34
C SER A 60 -18.21 -8.33 15.76
N SER A 61 -17.35 -7.84 16.66
CA SER A 61 -17.68 -7.69 18.09
C SER A 61 -16.83 -6.59 18.75
N GLN A 62 -17.21 -6.23 19.98
CA GLN A 62 -16.56 -5.14 20.75
C GLN A 62 -15.04 -5.31 20.96
N ARG A 63 -14.58 -6.56 21.05
CA ARG A 63 -13.15 -6.88 21.16
C ARG A 63 -12.42 -6.42 19.89
N GLU A 64 -12.97 -6.79 18.72
CA GLU A 64 -12.40 -6.41 17.42
C GLU A 64 -12.41 -4.89 17.18
N ILE A 65 -13.38 -4.18 17.74
CA ILE A 65 -13.47 -2.71 17.63
C ILE A 65 -12.31 -2.02 18.34
N GLU A 66 -11.96 -2.49 19.53
CA GLU A 66 -10.83 -1.94 20.28
C GLU A 66 -9.54 -2.15 19.51
N GLU A 67 -9.36 -3.38 19.03
CA GLU A 67 -8.20 -3.77 18.22
C GLU A 67 -8.08 -2.89 16.99
N PHE A 68 -9.22 -2.66 16.36
CA PHE A 68 -9.31 -1.76 15.22
C PHE A 68 -8.90 -0.33 15.59
N LEU A 69 -9.47 0.22 16.66
CA LEU A 69 -9.18 1.58 17.07
C LEU A 69 -7.72 1.75 17.47
N SER A 70 -7.18 0.72 18.12
CA SER A 70 -5.79 0.75 18.57
C SER A 70 -4.84 0.76 17.38
N GLU A 71 -5.14 -0.11 16.41
CA GLU A 71 -4.40 -0.21 15.17
C GLU A 71 -4.53 1.11 14.38
N ALA A 72 -5.74 1.60 14.24
CA ALA A 72 -5.99 2.90 13.59
C ALA A 72 -5.21 4.03 14.24
N ALA A 73 -5.16 4.03 15.57
CA ALA A 73 -4.34 5.01 16.32
C ALA A 73 -2.85 4.98 15.95
N CYS A 74 -2.30 3.79 15.69
CA CYS A 74 -0.91 3.67 15.25
C CYS A 74 -0.72 4.29 13.85
N MET A 75 -1.66 4.00 12.96
CA MET A 75 -1.56 4.43 11.57
C MET A 75 -1.78 5.93 11.41
N LYS A 76 -2.73 6.47 12.16
CA LYS A 76 -2.95 7.93 12.24
C LYS A 76 -1.67 8.68 12.58
N ASP A 77 -0.85 8.07 13.42
CA ASP A 77 0.41 8.65 13.85
C ASP A 77 1.48 8.73 12.75
N PHE A 78 1.39 7.88 11.72
CA PHE A 78 2.37 7.93 10.64
C PHE A 78 2.37 9.31 10.05
N SER A 79 3.53 9.73 9.57
CA SER A 79 3.63 11.05 8.98
C SER A 79 4.81 11.05 8.03
N HIS A 80 4.49 10.87 6.75
CA HIS A 80 5.49 10.82 5.69
C HIS A 80 4.75 11.08 4.37
N PRO A 81 5.38 11.79 3.44
CA PRO A 81 4.69 12.12 2.19
C PRO A 81 4.38 10.91 1.29
N ASN A 82 5.18 9.85 1.39
CA ASN A 82 4.92 8.60 0.67
C ASN A 82 4.20 7.52 1.47
N VAL A 83 3.50 7.94 2.53
CA VAL A 83 2.61 7.04 3.28
C VAL A 83 1.29 7.74 3.41
N ILE A 84 0.20 7.07 3.07
CA ILE A 84 -1.12 7.72 3.06
C ILE A 84 -1.45 8.27 4.45
N ARG A 85 -1.95 9.51 4.50
CA ARG A 85 -2.31 10.17 5.75
C ARG A 85 -3.69 9.73 6.19
N LEU A 86 -3.78 8.89 7.21
CA LEU A 86 -5.08 8.53 7.80
C LEU A 86 -5.62 9.74 8.57
N LEU A 87 -6.80 10.22 8.19
CA LEU A 87 -7.36 11.45 8.78
C LEU A 87 -8.12 11.14 10.07
N GLY A 88 -8.71 9.95 10.14
CA GLY A 88 -9.30 9.44 11.36
C GLY A 88 -10.23 8.31 11.06
N VAL A 89 -10.95 7.86 12.09
CA VAL A 89 -11.95 6.81 11.90
C VAL A 89 -13.27 7.22 12.56
N CYS A 90 -14.37 6.71 12.00
CA CYS A 90 -15.70 6.81 12.61
C CYS A 90 -16.24 5.41 12.82
N ILE A 91 -17.08 5.25 13.83
CA ILE A 91 -17.77 3.99 14.08
C ILE A 91 -19.25 4.30 14.03
N GLU A 92 -19.94 3.80 13.00
CA GLU A 92 -21.38 3.79 13.00
C GLU A 92 -21.84 2.42 13.47
N MET A 93 -23.08 2.32 13.97
CA MET A 93 -23.69 1.04 14.32
C MET A 93 -24.77 0.70 13.29
N SER A 94 -24.92 -0.59 12.98
CA SER A 94 -26.00 -1.06 12.10
C SER A 94 -27.30 -1.22 12.91
N SER A 95 -28.40 -1.38 12.19
CA SER A 95 -29.71 -1.66 12.81
C SER A 95 -29.72 -3.03 13.50
N GLN A 96 -29.00 -3.99 12.92
CA GLN A 96 -28.83 -5.33 13.51
C GLN A 96 -27.85 -5.40 14.72
N GLY A 97 -27.36 -4.25 15.19
CA GLY A 97 -26.43 -4.19 16.32
C GLY A 97 -25.01 -4.62 16.00
N ILE A 98 -24.61 -4.50 14.73
CA ILE A 98 -23.26 -4.82 14.29
C ILE A 98 -22.53 -3.48 14.04
N PRO A 99 -21.42 -3.20 14.77
CA PRO A 99 -20.74 -1.91 14.57
C PRO A 99 -19.97 -1.79 13.24
N LYS A 100 -20.36 -0.81 12.42
CA LYS A 100 -19.75 -0.55 11.12
C LYS A 100 -18.64 0.51 11.25
N PRO A 101 -17.35 0.09 11.20
CA PRO A 101 -16.25 1.05 11.32
C PRO A 101 -15.81 1.65 9.96
N MET A 102 -15.39 2.92 9.99
CA MET A 102 -15.18 3.71 8.77
C MET A 102 -13.84 4.44 8.82
N VAL A 103 -13.02 4.22 7.79
CA VAL A 103 -11.67 4.81 7.69
C VAL A 103 -11.73 5.99 6.74
N ILE A 104 -11.32 7.15 7.24
CA ILE A 104 -11.40 8.40 6.48
C ILE A 104 -10.02 8.71 5.92
N LEU A 105 -9.97 8.98 4.62
CA LEU A 105 -8.72 9.14 3.90
C LEU A 105 -8.83 10.35 2.98
N PRO A 106 -7.69 10.98 2.64
CA PRO A 106 -7.74 12.02 1.62
C PRO A 106 -8.21 11.45 0.28
N PHE A 107 -9.09 12.19 -0.41
CA PHE A 107 -9.56 11.74 -1.72
C PHE A 107 -8.45 11.89 -2.77
N MET A 108 -8.21 10.80 -3.49
CA MET A 108 -7.12 10.66 -4.45
C MET A 108 -7.73 10.49 -5.85
N LYS A 109 -7.93 11.59 -6.56
CA LYS A 109 -8.64 11.56 -7.85
C LYS A 109 -7.93 10.69 -8.93
N TYR A 110 -6.60 10.60 -8.87
CA TYR A 110 -5.85 9.77 -9.82
C TYR A 110 -5.87 8.27 -9.47
N GLY A 111 -6.41 7.92 -8.31
CA GLY A 111 -6.71 6.54 -7.96
C GLY A 111 -5.47 5.74 -7.61
N ASP A 112 -5.60 4.42 -7.72
CA ASP A 112 -4.48 3.52 -7.43
C ASP A 112 -3.49 3.49 -8.58
N LEU A 113 -2.28 3.05 -8.29
CA LEU A 113 -1.21 3.03 -9.26
C LEU A 113 -1.40 1.93 -10.32
N HIS A 114 -2.04 0.82 -9.95
CA HIS A 114 -2.17 -0.32 -10.88
C HIS A 114 -3.08 0.07 -12.04
N THR A 115 -4.26 0.58 -11.70
CA THR A 115 -5.20 1.11 -12.67
C THR A 115 -4.56 2.22 -13.53
N TYR A 116 -3.85 3.13 -12.89
CA TYR A 116 -3.18 4.20 -13.61
C TYR A 116 -2.19 3.68 -14.64
N LEU A 117 -1.48 2.59 -14.30
CA LEU A 117 -0.54 1.98 -15.23
C LEU A 117 -1.26 1.36 -16.44
N LEU A 118 -2.35 0.66 -16.17
CA LEU A 118 -3.14 0.03 -17.21
C LEU A 118 -3.77 1.08 -18.12
N TYR A 119 -4.39 2.11 -17.53
CA TYR A 119 -4.94 3.26 -18.27
C TYR A 119 -3.91 3.96 -19.18
N SER A 120 -2.66 4.03 -18.74
CA SER A 120 -1.61 4.63 -19.56
C SER A 120 -1.36 3.93 -20.89
N ARG A 121 -1.92 2.71 -21.05
CA ARG A 121 -1.83 1.98 -22.33
C ARG A 121 -3.08 2.11 -23.21
N LEU A 122 -3.97 3.04 -22.83
CA LEU A 122 -5.20 3.31 -23.54
C LEU A 122 -5.18 4.76 -24.01
N GLU A 123 -5.63 5.00 -25.24
CA GLU A 123 -5.56 6.32 -25.88
C GLU A 123 -6.07 7.45 -25.01
N THR A 124 -7.26 7.27 -24.44
CA THR A 124 -7.92 8.32 -23.65
C THR A 124 -7.30 8.52 -22.24
N GLY A 125 -6.60 7.50 -21.74
CA GLY A 125 -5.88 7.61 -20.47
C GLY A 125 -4.61 8.44 -20.57
N PRO A 126 -3.88 8.60 -19.44
CA PRO A 126 -2.65 9.42 -19.38
C PRO A 126 -1.55 8.95 -20.33
N ARG A 127 -0.81 9.90 -20.91
CA ARG A 127 0.22 9.61 -21.90
C ARG A 127 1.20 8.52 -21.44
N HIS A 128 1.71 7.74 -22.39
CA HIS A 128 2.74 6.74 -22.14
C HIS A 128 3.72 7.21 -21.06
N ILE A 129 3.86 6.42 -20.00
CA ILE A 129 4.69 6.78 -18.86
C ILE A 129 6.13 6.38 -19.21
N PRO A 130 7.07 7.34 -19.24
CA PRO A 130 8.46 6.96 -19.51
C PRO A 130 9.12 6.29 -18.30
N LEU A 131 10.19 5.53 -18.57
CA LEU A 131 10.93 4.81 -17.52
C LEU A 131 11.34 5.71 -16.35
N GLN A 132 11.77 6.93 -16.67
CA GLN A 132 12.17 7.91 -15.65
C GLN A 132 11.06 8.07 -14.61
N THR A 133 9.83 8.20 -15.09
CA THR A 133 8.66 8.32 -14.21
C THR A 133 8.31 7.02 -13.46
N LEU A 134 8.37 5.89 -14.17
CA LEU A 134 8.13 4.58 -13.58
C LEU A 134 9.09 4.30 -12.43
N LEU A 135 10.34 4.66 -12.65
CA LEU A 135 11.37 4.49 -11.65
C LEU A 135 11.10 5.42 -10.45
N ARG A 136 10.68 6.64 -10.71
CA ARG A 136 10.28 7.57 -9.67
C ARG A 136 9.13 7.07 -8.76
N PHE A 137 8.20 6.29 -9.32
CA PHE A 137 7.14 5.66 -8.54
C PHE A 137 7.73 4.66 -7.55
N MET A 138 8.70 3.89 -8.03
CA MET A 138 9.37 2.90 -7.21
C MET A 138 10.14 3.55 -6.07
N VAL A 139 10.78 4.70 -6.35
CA VAL A 139 11.55 5.42 -5.33
C VAL A 139 10.57 5.88 -4.25
N ASP A 140 9.48 6.50 -4.68
CA ASP A 140 8.40 6.91 -3.78
C ASP A 140 7.89 5.79 -2.87
N ILE A 141 7.70 4.59 -3.43
CA ILE A 141 7.20 3.46 -2.65
C ILE A 141 8.25 2.99 -1.67
N ALA A 142 9.50 2.92 -2.14
CA ALA A 142 10.63 2.57 -1.31
C ALA A 142 10.72 3.52 -0.11
N LEU A 143 10.66 4.82 -0.38
CA LEU A 143 10.67 5.87 0.66
C LEU A 143 9.60 5.65 1.73
N GLY A 144 8.36 5.39 1.32
CA GLY A 144 7.27 5.12 2.25
C GLY A 144 7.48 3.85 3.05
N MET A 145 7.90 2.79 2.39
CA MET A 145 8.22 1.54 3.06
C MET A 145 9.43 1.62 3.98
N GLU A 146 10.44 2.36 3.56
CA GLU A 146 11.61 2.63 4.40
C GLU A 146 11.17 3.25 5.73
N TYR A 147 10.33 4.28 5.65
CA TYR A 147 9.74 4.92 6.82
C TYR A 147 9.03 3.90 7.72
N LEU A 148 8.14 3.12 7.12
CA LEU A 148 7.34 2.14 7.86
C LEU A 148 8.21 1.08 8.51
N SER A 149 9.19 0.59 7.78
CA SER A 149 10.12 -0.41 8.29
C SER A 149 10.91 0.13 9.49
N ASN A 150 11.41 1.37 9.38
CA ASN A 150 12.08 2.03 10.52
C ASN A 150 11.25 2.06 11.80
N ARG A 151 9.94 2.23 11.66
CA ARG A 151 9.00 2.15 12.78
C ARG A 151 8.52 0.72 13.07
N ASN A 152 9.20 -0.29 12.52
CA ASN A 152 8.82 -1.72 12.66
C ASN A 152 7.35 -2.03 12.39
N PHE A 153 6.77 -1.32 11.43
CA PHE A 153 5.41 -1.58 10.98
C PHE A 153 5.49 -2.41 9.71
N LEU A 154 4.69 -3.47 9.66
CA LEU A 154 4.61 -4.35 8.50
C LEU A 154 3.35 -4.02 7.74
N HIS A 155 3.48 -3.83 6.43
CA HIS A 155 2.35 -3.52 5.54
C HIS A 155 1.44 -4.74 5.34
N ARG A 156 2.04 -5.91 5.08
CA ARG A 156 1.34 -7.20 4.91
C ARG A 156 0.49 -7.35 3.59
N ASP A 157 0.55 -6.38 2.68
CA ASP A 157 -0.24 -6.39 1.45
C ASP A 157 0.25 -5.33 0.44
N LEU A 158 1.56 -5.27 0.26
CA LEU A 158 2.16 -4.33 -0.66
C LEU A 158 1.93 -4.87 -2.08
N ALA A 159 1.32 -4.02 -2.90
CA ALA A 159 1.11 -4.27 -4.33
C ALA A 159 0.71 -2.96 -4.99
N ALA A 160 0.83 -2.89 -6.31
CA ALA A 160 0.54 -1.65 -7.05
C ALA A 160 -0.89 -1.15 -6.88
N ARG A 161 -1.82 -2.08 -6.68
CA ARG A 161 -3.23 -1.70 -6.40
C ARG A 161 -3.45 -1.02 -5.04
N ASN A 162 -2.51 -1.19 -4.12
CA ASN A 162 -2.56 -0.53 -2.82
C ASN A 162 -1.55 0.61 -2.65
N CYS A 163 -1.04 1.16 -3.75
CA CYS A 163 -0.28 2.41 -3.75
C CYS A 163 -1.12 3.45 -4.44
N MET A 164 -1.31 4.61 -3.80
CA MET A 164 -2.21 5.63 -4.35
C MET A 164 -1.40 6.79 -4.92
N LEU A 165 -1.97 7.48 -5.89
CA LEU A 165 -1.35 8.63 -6.55
C LEU A 165 -1.98 9.91 -6.07
N ARG A 166 -1.17 10.77 -5.45
CA ARG A 166 -1.64 12.08 -4.99
C ARG A 166 -1.72 13.02 -6.19
N ASP A 167 -2.27 14.21 -5.97
CA ASP A 167 -2.51 15.18 -7.06
C ASP A 167 -1.23 15.66 -7.75
N ASP A 168 -0.11 15.61 -7.04
CA ASP A 168 1.19 15.97 -7.62
C ASP A 168 1.95 14.78 -8.22
N MET A 169 1.25 13.68 -8.52
CA MET A 169 1.85 12.43 -9.00
C MET A 169 2.87 11.77 -8.05
N THR A 170 2.84 12.13 -6.76
CA THR A 170 3.62 11.44 -5.74
C THR A 170 2.88 10.18 -5.40
N VAL A 171 3.61 9.08 -5.23
CA VAL A 171 3.01 7.82 -4.83
C VAL A 171 3.14 7.63 -3.35
N CYS A 172 2.06 7.22 -2.69
CA CYS A 172 2.11 6.82 -1.29
C CYS A 172 1.57 5.42 -1.14
N VAL A 173 2.16 4.68 -0.20
CA VAL A 173 1.68 3.33 0.13
C VAL A 173 0.44 3.44 1.02
N ALA A 174 -0.51 2.55 0.81
CA ALA A 174 -1.83 2.61 1.45
C ALA A 174 -2.40 1.21 1.64
N ASP A 175 -3.64 1.13 2.12
CA ASP A 175 -4.41 -0.13 2.21
C ASP A 175 -3.68 -1.23 2.98
N PHE A 176 -3.27 -0.91 4.20
CA PHE A 176 -2.43 -1.81 4.98
C PHE A 176 -3.16 -3.11 5.32
N GLY A 177 -2.44 -4.23 5.25
CA GLY A 177 -3.03 -5.56 5.48
C GLY A 177 -3.36 -5.83 6.94
N PRO A 197 -3.70 -12.74 -1.75
CA PRO A 197 -3.02 -12.42 -2.99
C PRO A 197 -1.68 -13.16 -3.03
N VAL A 198 -1.77 -14.45 -3.38
CA VAL A 198 -0.65 -15.41 -3.26
C VAL A 198 0.62 -14.99 -3.98
N LYS A 199 0.46 -14.36 -5.15
CA LYS A 199 1.59 -14.03 -6.00
C LYS A 199 2.46 -12.87 -5.51
N TRP A 200 2.06 -12.22 -4.42
CA TRP A 200 2.89 -11.19 -3.77
C TRP A 200 3.57 -11.69 -2.51
N ILE A 201 3.25 -12.91 -2.10
CA ILE A 201 3.65 -13.43 -0.80
C ILE A 201 4.99 -14.14 -0.91
N ALA A 202 5.90 -13.83 0.01
CA ALA A 202 7.25 -14.39 -0.02
C ALA A 202 7.24 -15.87 0.32
N ILE A 203 8.26 -16.57 -0.16
CA ILE A 203 8.34 -18.04 -0.03
C ILE A 203 8.19 -18.58 1.41
N GLU A 204 8.81 -17.89 2.38
CA GLU A 204 8.78 -18.31 3.79
C GLU A 204 7.44 -18.05 4.45
N SER A 205 6.70 -17.07 3.93
CA SER A 205 5.36 -16.72 4.41
C SER A 205 4.29 -17.66 3.84
N LEU A 206 4.53 -18.19 2.63
CA LEU A 206 3.74 -19.31 2.11
C LEU A 206 3.98 -20.55 2.96
N ALA A 207 5.25 -20.79 3.30
CA ALA A 207 5.66 -21.95 4.11
C ALA A 207 5.27 -21.82 5.59
N ASP A 208 6.02 -21.02 6.34
CA ASP A 208 5.91 -20.96 7.79
C ASP A 208 4.73 -20.12 8.32
N ARG A 209 4.03 -19.42 7.43
CA ARG A 209 2.98 -18.46 7.82
C ARG A 209 3.55 -17.36 8.72
N VAL A 210 4.80 -16.97 8.44
CA VAL A 210 5.54 -15.97 9.22
C VAL A 210 5.91 -14.81 8.30
N TYR A 211 5.91 -13.59 8.86
CA TYR A 211 6.02 -12.37 8.06
C TYR A 211 6.91 -11.31 8.72
N THR A 212 8.03 -10.98 8.08
CA THR A 212 8.94 -9.91 8.51
C THR A 212 8.93 -8.74 7.52
N SER A 213 9.73 -7.72 7.81
CA SER A 213 10.02 -6.66 6.84
C SER A 213 10.63 -7.17 5.56
N LYS A 214 11.37 -8.28 5.64
CA LYS A 214 11.94 -8.92 4.45
C LYS A 214 10.87 -9.58 3.60
N SER A 215 9.78 -10.02 4.21
CA SER A 215 8.58 -10.40 3.47
C SER A 215 8.01 -9.20 2.70
N ASP A 216 7.86 -8.05 3.37
CA ASP A 216 7.43 -6.80 2.71
C ASP A 216 8.36 -6.43 1.55
N VAL A 217 9.67 -6.62 1.73
CA VAL A 217 10.65 -6.37 0.66
C VAL A 217 10.36 -7.27 -0.56
N TRP A 218 9.99 -8.53 -0.32
CA TRP A 218 9.67 -9.46 -1.41
C TRP A 218 8.52 -8.89 -2.23
N ALA A 219 7.43 -8.56 -1.54
CA ALA A 219 6.27 -7.91 -2.16
C ALA A 219 6.66 -6.64 -2.94
N PHE A 220 7.57 -5.85 -2.38
CA PHE A 220 8.07 -4.67 -3.06
C PHE A 220 8.74 -5.02 -4.39
N GLY A 221 9.52 -6.10 -4.41
CA GLY A 221 10.10 -6.62 -5.65
C GLY A 221 9.04 -6.91 -6.70
N VAL A 222 7.97 -7.57 -6.27
CA VAL A 222 6.83 -7.90 -7.13
C VAL A 222 6.13 -6.63 -7.61
N THR A 223 5.87 -5.73 -6.66
CA THR A 223 5.32 -4.41 -6.97
C THR A 223 6.18 -3.66 -7.99
N MET A 224 7.50 -3.70 -7.83
CA MET A 224 8.38 -3.09 -8.82
C MET A 224 8.16 -3.69 -10.20
N TRP A 225 8.03 -5.02 -10.27
CA TRP A 225 7.79 -5.72 -11.53
C TRP A 225 6.46 -5.34 -12.17
N GLU A 226 5.42 -5.14 -11.36
CA GLU A 226 4.14 -4.62 -11.87
C GLU A 226 4.29 -3.29 -12.61
N ILE A 227 5.09 -2.41 -12.03
CA ILE A 227 5.30 -1.08 -12.58
C ILE A 227 6.16 -1.13 -13.86
N ALA A 228 7.19 -1.96 -13.84
CA ALA A 228 8.03 -2.17 -15.03
C ALA A 228 7.26 -2.82 -16.20
N THR A 229 6.27 -3.66 -15.89
CA THR A 229 5.41 -4.27 -16.93
C THR A 229 4.18 -3.42 -17.24
N ARG A 230 4.05 -2.27 -16.59
CA ARG A 230 2.88 -1.40 -16.71
C ARG A 230 1.57 -2.14 -16.40
N GLY A 231 1.60 -2.96 -15.36
CA GLY A 231 0.41 -3.58 -14.79
C GLY A 231 0.11 -5.02 -15.14
N MET A 232 1.09 -5.80 -15.61
CA MET A 232 0.87 -7.22 -15.84
C MET A 232 0.66 -7.91 -14.51
N THR A 233 -0.15 -8.96 -14.53
CA THR A 233 -0.29 -9.83 -13.37
C THR A 233 0.99 -10.67 -13.28
N PRO A 234 1.62 -10.74 -12.09
CA PRO A 234 2.83 -11.54 -11.90
C PRO A 234 2.71 -13.01 -12.34
N TYR A 235 3.78 -13.57 -12.88
CA TYR A 235 3.89 -15.02 -13.18
C TYR A 235 2.81 -15.45 -14.17
N PRO A 236 2.86 -14.90 -15.40
CA PRO A 236 2.01 -15.38 -16.47
C PRO A 236 2.28 -16.85 -16.78
N GLY A 237 1.22 -17.66 -16.86
CA GLY A 237 1.35 -19.10 -17.05
C GLY A 237 1.33 -19.93 -15.76
N VAL A 238 1.38 -19.28 -14.60
CA VAL A 238 1.46 -19.98 -13.32
C VAL A 238 0.19 -19.72 -12.50
N GLN A 239 -0.57 -20.76 -12.20
CA GLN A 239 -1.78 -20.65 -11.38
C GLN A 239 -1.38 -20.48 -9.92
N ASN A 240 -2.23 -19.81 -9.14
CA ASN A 240 -1.96 -19.56 -7.72
C ASN A 240 -1.59 -20.82 -6.91
N HIS A 241 -2.30 -21.92 -7.15
CA HIS A 241 -1.96 -23.17 -6.45
C HIS A 241 -0.58 -23.73 -6.85
N GLU A 242 -0.13 -23.41 -8.06
CA GLU A 242 1.23 -23.77 -8.52
C GLU A 242 2.35 -22.91 -7.94
N MET A 243 2.02 -21.83 -7.22
CA MET A 243 3.01 -20.81 -6.84
C MET A 243 4.10 -21.24 -5.86
N TYR A 244 3.74 -21.99 -4.82
CA TYR A 244 4.72 -22.41 -3.82
C TYR A 244 5.78 -23.33 -4.41
N ASP A 245 5.36 -24.35 -5.15
CA ASP A 245 6.29 -25.27 -5.81
C ASP A 245 7.11 -24.58 -6.89
N TYR A 246 6.51 -23.64 -7.60
CA TYR A 246 7.23 -22.83 -8.61
C TYR A 246 8.43 -22.11 -8.01
N LEU A 247 8.19 -21.45 -6.88
CA LEU A 247 9.23 -20.72 -6.15
C LEU A 247 10.18 -21.68 -5.43
N LEU A 248 9.63 -22.76 -4.86
CA LEU A 248 10.43 -23.85 -4.26
C LEU A 248 11.59 -24.30 -5.16
N HIS A 249 11.29 -24.53 -6.44
CA HIS A 249 12.32 -24.93 -7.43
C HIS A 249 13.13 -23.76 -8.02
N GLY A 250 13.03 -22.59 -7.41
CA GLY A 250 13.94 -21.47 -7.70
C GLY A 250 13.58 -20.56 -8.86
N HIS A 251 12.40 -20.72 -9.45
CA HIS A 251 11.96 -19.82 -10.53
C HIS A 251 11.47 -18.53 -9.91
N ARG A 252 11.65 -17.43 -10.65
CA ARG A 252 11.23 -16.11 -10.23
C ARG A 252 10.63 -15.37 -11.41
N LEU A 253 10.04 -14.22 -11.11
CA LEU A 253 9.55 -13.32 -12.14
C LEU A 253 10.64 -13.02 -13.15
N LYS A 254 10.24 -12.95 -14.43
CA LYS A 254 11.15 -12.81 -15.55
C LYS A 254 11.38 -11.34 -15.86
N GLN A 255 12.54 -11.04 -16.42
CA GLN A 255 12.88 -9.65 -16.75
C GLN A 255 11.96 -9.07 -17.80
N PRO A 256 11.21 -8.00 -17.44
CA PRO A 256 10.42 -7.31 -18.45
C PRO A 256 11.26 -6.87 -19.66
N GLU A 257 10.63 -6.84 -20.83
CA GLU A 257 11.31 -6.40 -22.05
C GLU A 257 11.61 -4.91 -21.93
N ASP A 258 12.78 -4.51 -22.41
CA ASP A 258 13.29 -3.12 -22.31
C ASP A 258 13.39 -2.59 -20.86
N CYS A 259 13.62 -3.48 -19.90
CA CYS A 259 13.86 -3.11 -18.51
C CYS A 259 15.36 -3.23 -18.28
N LEU A 260 15.94 -2.24 -17.62
CA LEU A 260 17.38 -2.21 -17.40
C LEU A 260 17.83 -3.42 -16.59
N ASP A 261 19.01 -3.94 -16.93
CA ASP A 261 19.59 -5.09 -16.24
C ASP A 261 19.82 -4.74 -14.77
N GLU A 262 20.28 -3.52 -14.53
CA GLU A 262 20.52 -3.01 -13.19
C GLU A 262 19.22 -2.93 -12.38
N LEU A 263 18.14 -2.47 -13.01
CA LEU A 263 16.81 -2.46 -12.38
C LEU A 263 16.27 -3.87 -12.10
N TYR A 264 16.46 -4.80 -13.05
CA TYR A 264 16.09 -6.18 -12.81
C TYR A 264 16.93 -6.78 -11.69
N GLU A 265 18.23 -6.47 -11.67
CA GLU A 265 19.12 -6.85 -10.56
C GLU A 265 18.58 -6.41 -9.21
N ILE A 266 18.14 -5.16 -9.12
CA ILE A 266 17.55 -4.63 -7.88
C ILE A 266 16.31 -5.42 -7.46
N MET A 267 15.35 -5.60 -8.37
CA MET A 267 14.09 -6.26 -8.02
C MET A 267 14.33 -7.75 -7.73
N TYR A 268 15.22 -8.38 -8.48
CA TYR A 268 15.61 -9.78 -8.23
C TYR A 268 16.13 -10.02 -6.80
N SER A 269 16.98 -9.11 -6.31
CA SER A 269 17.53 -9.18 -4.94
C SER A 269 16.46 -9.20 -3.85
N CYS A 270 15.28 -8.68 -4.15
CA CYS A 270 14.15 -8.77 -3.24
C CYS A 270 13.60 -10.18 -3.09
N TRP A 271 13.87 -11.10 -4.03
CA TRP A 271 13.33 -12.45 -3.98
C TRP A 271 14.37 -13.53 -3.71
N ARG A 272 15.46 -13.18 -3.01
CA ARG A 272 16.46 -14.17 -2.60
C ARG A 272 15.82 -15.12 -1.57
N THR A 273 16.16 -16.39 -1.66
CA THR A 273 15.49 -17.46 -0.91
C THR A 273 15.53 -17.24 0.60
N ASP A 274 16.71 -16.87 1.08
CA ASP A 274 16.95 -16.59 2.49
C ASP A 274 16.56 -15.13 2.73
N PRO A 275 15.53 -14.90 3.57
CA PRO A 275 15.11 -13.53 3.91
C PRO A 275 16.26 -12.61 4.27
N LEU A 276 17.23 -13.12 5.01
CA LEU A 276 18.34 -12.31 5.53
C LEU A 276 19.33 -11.87 4.44
N ASP A 277 19.36 -12.57 3.29
CA ASP A 277 20.14 -12.11 2.13
C ASP A 277 19.52 -10.94 1.38
N ARG A 278 18.23 -10.70 1.55
CA ARG A 278 17.54 -9.61 0.85
C ARG A 278 17.95 -8.26 1.44
N PRO A 279 18.06 -7.23 0.60
CA PRO A 279 18.37 -5.90 1.12
C PRO A 279 17.22 -5.27 1.93
N THR A 280 17.57 -4.27 2.72
CA THR A 280 16.59 -3.46 3.44
C THR A 280 15.99 -2.42 2.49
N PHE A 281 14.83 -1.90 2.88
CA PHE A 281 14.18 -0.83 2.12
C PHE A 281 15.07 0.39 1.97
N SER A 282 15.91 0.66 2.96
CA SER A 282 16.80 1.82 2.88
C SER A 282 17.88 1.60 1.84
N VAL A 283 18.40 0.38 1.80
CA VAL A 283 19.38 0.00 0.78
C VAL A 283 18.75 0.04 -0.62
N LEU A 284 17.60 -0.60 -0.78
CA LEU A 284 16.88 -0.57 -2.08
C LEU A 284 16.59 0.86 -2.52
N ARG A 285 16.06 1.66 -1.61
CA ARG A 285 15.68 3.02 -1.95
C ARG A 285 16.87 3.78 -2.51
N LEU A 286 18.01 3.62 -1.87
CA LEU A 286 19.22 4.33 -2.28
C LEU A 286 19.72 3.83 -3.64
N GLN A 287 19.71 2.51 -3.83
CA GLN A 287 20.04 1.92 -5.15
C GLN A 287 19.17 2.48 -6.28
N LEU A 288 17.89 2.68 -5.99
CA LEU A 288 16.92 3.19 -6.97
C LEU A 288 17.15 4.65 -7.34
N GLU A 289 17.51 5.46 -6.34
CA GLU A 289 17.78 6.89 -6.54
C GLU A 289 19.01 7.12 -7.40
N ARG A 290 20.05 6.32 -7.13
CA ARG A 290 21.29 6.40 -7.89
C ARG A 290 21.01 6.08 -9.37
N LEU A 291 20.30 4.97 -9.59
CA LEU A 291 19.89 4.58 -10.94
C LEU A 291 19.07 5.68 -11.64
N LEU A 292 18.19 6.34 -10.91
CA LEU A 292 17.35 7.38 -11.47
C LEU A 292 18.18 8.61 -11.85
N GLU A 293 19.13 8.96 -11.00
CA GLU A 293 20.08 10.05 -11.28
C GLU A 293 20.85 9.80 -12.58
N SER A 294 21.27 8.55 -12.78
CA SER A 294 22.05 8.18 -13.96
C SER A 294 21.31 8.33 -15.30
N LEU A 295 19.99 8.41 -15.27
CA LEU A 295 19.21 8.55 -16.50
C LEU A 295 19.24 10.00 -17.00
N PRO A 296 19.46 10.20 -18.32
CA PRO A 296 19.34 11.52 -18.92
C PRO A 296 18.01 11.66 -19.66
C1 VK2 B . -7.78 3.29 -1.21
C2 VK2 B . -8.20 4.67 -1.62
C3 VK2 B . -7.75 5.86 -0.88
N6 VK2 B . -7.24 -0.46 10.46
C7 VK2 B . -10.26 6.56 -4.06
C8 VK2 B . -9.04 4.86 -2.66
C9 VK2 B . -7.42 2.83 1.15
C10 VK2 B . -6.82 2.39 3.14
C11 VK2 B . -6.89 1.84 4.49
C12 VK2 B . -7.89 0.89 4.75
C13 VK2 B . -7.99 0.30 6.00
C14 VK2 B . -7.10 0.64 7.01
C15 VK2 B . -6.09 1.55 6.74
C16 VK2 B . -5.96 2.16 5.49
C19 VK2 B . -7.05 -1.42 8.57
C20 VK2 B . -6.90 -2.54 7.60
C21 VK2 B . -7.33 -0.38 11.92
C22 VK2 B . -7.26 0.56 9.55
N7 VK2 B . -7.50 3.01 10.28
C23 VK2 B . -7.40 1.92 9.94
N5 VK2 B . -7.11 -1.67 9.87
C18 VK2 B . -7.18 -0.02 8.33
C17 VK2 B . -4.84 3.15 5.29
O VK2 B . -7.89 2.24 2.29
N3 VK2 B . -5.80 2.95 2.57
N4 VK2 B . -6.19 3.26 1.26
N VK2 B . -8.25 2.87 0.11
C VK2 B . -9.68 2.56 0.23
N2 VK2 B . -9.44 6.14 -3.03
C6 VK2 B . -10.31 7.91 -3.95
N1 VK2 B . -9.53 8.37 -2.91
C5 VK2 B . -9.01 7.28 -2.35
C4 VK2 B . -8.13 7.11 -1.24
CL CL C . 7.12 -14.11 -14.93
CL CL D . -1.50 -6.61 -18.71
CL CL E . -1.85 11.29 1.73
CL CL F . -4.15 14.47 -2.94
S DMS G . 13.78 -17.28 -13.78
O DMS G . 13.50 -17.19 -12.33
C1 DMS G . 12.50 -18.05 -14.59
C2 DMS G . 13.70 -15.69 -14.42
#